data_3FWR
#
_entry.id   3FWR
#
_cell.length_a   54.273
_cell.length_b   103.047
_cell.length_c   98.342
_cell.angle_alpha   90.00
_cell.angle_beta   90.00
_cell.angle_gamma   90.00
#
_symmetry.space_group_name_H-M   'C 2 2 21'
#
loop_
_entity.id
_entity.type
_entity.pdbx_description
1 polymer 'YqzB protein'
2 non-polymer "ADENOSINE-5'-DIPHOSPHATE"
3 water water
#
_entity_poly.entity_id   1
_entity_poly.type   'polypeptide(L)'
_entity_poly.pdbx_seq_one_letter_code
;MTGKTGTQLLADKLKKLQVKDFQSIPVVIHENVSVYDAICTMFLEDVGTLFVVDRDAVLVGVLSRKDLLRASIGQQELTS
VPVHIIMTRMPNITVCRREDYVMDIAKHLIEKQIDALPVIKDTDKGFEVIGRVTKTNMTKILVSLSENEILLQHHHHHH
;
_entity_poly.pdbx_strand_id   A,B
#
# COMPACT_ATOMS: atom_id res chain seq x y z
N THR A 7 -16.10 -6.28 26.62
CA THR A 7 -15.27 -6.80 25.48
C THR A 7 -13.79 -6.35 25.58
N GLN A 8 -13.34 -6.00 26.80
CA GLN A 8 -11.99 -5.43 26.94
C GLN A 8 -10.90 -6.48 26.97
N LEU A 9 -11.23 -7.68 27.45
CA LEU A 9 -10.24 -8.76 27.43
C LEU A 9 -10.06 -9.33 26.02
N LEU A 10 -11.07 -9.19 25.17
CA LEU A 10 -10.91 -9.54 23.76
C LEU A 10 -9.89 -8.62 23.07
N ALA A 11 -10.04 -7.31 23.27
CA ALA A 11 -9.10 -6.34 22.74
C ALA A 11 -7.67 -6.59 23.24
N ASP A 12 -7.53 -6.81 24.56
CA ASP A 12 -6.29 -7.26 25.20
C ASP A 12 -5.59 -8.38 24.43
N LYS A 13 -6.32 -9.46 24.21
CA LYS A 13 -5.86 -10.64 23.48
C LYS A 13 -5.42 -10.38 22.02
N LEU A 14 -6.00 -9.37 21.37
CA LEU A 14 -5.60 -9.02 20.00
C LEU A 14 -4.32 -8.22 19.99
N LYS A 15 -4.14 -7.50 21.09
CA LYS A 15 -3.04 -6.58 21.28
C LYS A 15 -1.80 -7.38 21.60
N LYS A 16 -1.96 -8.70 21.62
CA LYS A 16 -0.84 -9.61 21.89
C LYS A 16 -0.44 -10.53 20.73
N LEU A 17 -1.13 -10.40 19.60
CA LEU A 17 -0.68 -11.00 18.36
C LEU A 17 0.65 -10.36 18.02
N GLN A 18 1.60 -11.21 17.62
CA GLN A 18 2.99 -10.80 17.45
C GLN A 18 3.44 -10.89 16.01
N VAL A 19 4.30 -9.97 15.61
CA VAL A 19 4.91 -9.91 14.25
C VAL A 19 5.37 -11.30 13.74
N LYS A 20 6.06 -12.07 14.59
CA LYS A 20 6.58 -13.40 14.25
C LYS A 20 5.66 -14.10 13.26
N ASP A 21 4.36 -14.05 13.55
CA ASP A 21 3.42 -14.94 12.86
C ASP A 21 2.82 -14.27 11.62
N PHE A 22 3.02 -12.96 11.46
CA PHE A 22 2.36 -12.21 10.35
C PHE A 22 3.25 -11.42 9.39
N GLN A 23 4.55 -11.63 9.51
CA GLN A 23 5.56 -10.93 8.68
C GLN A 23 5.72 -11.59 7.31
N SER A 24 6.01 -10.77 6.30
CA SER A 24 6.44 -11.23 4.96
C SER A 24 7.94 -11.18 4.91
N ILE A 25 8.54 -11.67 3.83
CA ILE A 25 10.00 -11.65 3.69
C ILE A 25 10.57 -10.24 3.52
N PRO A 26 11.90 -10.06 3.74
CA PRO A 26 12.40 -8.75 3.37
C PRO A 26 12.83 -8.69 1.90
N VAL A 27 12.72 -7.50 1.32
CA VAL A 27 13.28 -7.23 0.03
C VAL A 27 14.35 -6.21 0.34
N VAL A 28 15.61 -6.50 0.01
CA VAL A 28 16.73 -5.64 0.33
C VAL A 28 17.56 -5.27 -0.90
N ILE A 29 18.17 -4.09 -0.89
CA ILE A 29 19.23 -3.75 -1.87
C ILE A 29 20.46 -3.19 -1.16
N HIS A 30 21.63 -3.33 -1.78
CA HIS A 30 22.85 -2.69 -1.27
C HIS A 30 22.73 -1.20 -1.53
N GLU A 31 23.30 -0.38 -0.65
CA GLU A 31 23.22 1.09 -0.76
C GLU A 31 23.96 1.68 -1.97
N ASN A 32 24.82 0.89 -2.60
CA ASN A 32 25.63 1.37 -3.73
C ASN A 32 25.05 1.02 -5.09
N VAL A 33 23.85 0.46 -5.03
CA VAL A 33 23.01 0.14 -6.19
C VAL A 33 22.41 1.46 -6.80
N SER A 34 22.27 1.56 -8.13
CA SER A 34 21.70 2.77 -8.74
C SER A 34 20.17 2.91 -8.57
N VAL A 35 19.66 4.15 -8.63
CA VAL A 35 18.20 4.41 -8.65
C VAL A 35 17.52 3.54 -9.71
N TYR A 36 18.10 3.49 -10.90
CA TYR A 36 17.59 2.64 -11.97
C TYR A 36 17.45 1.21 -11.52
N ASP A 37 18.55 0.60 -11.05
CA ASP A 37 18.55 -0.75 -10.51
C ASP A 37 17.51 -0.99 -9.41
N ALA A 38 17.34 -0.02 -8.50
CA ALA A 38 16.35 -0.16 -7.44
C ALA A 38 14.90 -0.19 -7.98
N ILE A 39 14.63 0.61 -8.99
CA ILE A 39 13.33 0.62 -9.64
C ILE A 39 13.11 -0.73 -10.31
N CYS A 40 14.12 -1.22 -11.02
CA CYS A 40 14.09 -2.57 -11.60
C CYS A 40 13.73 -3.65 -10.56
N THR A 41 14.47 -3.71 -9.46
CA THR A 41 14.18 -4.63 -8.38
C THR A 41 12.75 -4.48 -7.89
N MET A 42 12.23 -3.24 -7.94
CA MET A 42 10.86 -2.95 -7.49
C MET A 42 9.78 -3.64 -8.34
N PHE A 43 10.06 -3.79 -9.63
CA PHE A 43 9.14 -4.47 -10.55
C PHE A 43 9.36 -5.96 -10.56
N LEU A 44 10.60 -6.39 -10.45
CA LEU A 44 10.90 -7.82 -10.41
C LEU A 44 10.30 -8.45 -9.18
N GLU A 45 10.52 -7.80 -8.04
CA GLU A 45 10.04 -8.34 -6.77
C GLU A 45 8.59 -7.97 -6.57
N ASP A 46 8.12 -7.01 -7.38
CA ASP A 46 6.75 -6.52 -7.32
C ASP A 46 6.38 -6.10 -5.91
N VAL A 47 7.22 -5.27 -5.30
CA VAL A 47 6.96 -4.80 -3.95
C VAL A 47 6.75 -3.28 -3.99
N GLY A 48 6.54 -2.65 -2.84
CA GLY A 48 6.34 -1.20 -2.79
C GLY A 48 7.40 -0.48 -1.99
N THR A 49 8.09 -1.22 -1.15
CA THR A 49 9.19 -0.65 -0.42
C THR A 49 10.41 -1.58 -0.46
N LEU A 50 11.60 -0.98 -0.50
CA LEU A 50 12.83 -1.72 -0.51
C LEU A 50 13.54 -1.29 0.74
N PHE A 51 14.22 -2.24 1.34
CA PHE A 51 15.09 -1.95 2.45
C PHE A 51 16.52 -1.88 1.99
N VAL A 52 17.16 -0.73 2.19
CA VAL A 52 18.56 -0.53 1.82
C VAL A 52 19.55 -0.96 2.93
N VAL A 53 20.50 -1.83 2.58
CA VAL A 53 21.55 -2.26 3.49
C VAL A 53 22.96 -1.81 3.08
N ASP A 54 23.88 -1.88 4.05
CA ASP A 54 25.30 -1.64 3.81
C ASP A 54 26.04 -2.96 3.55
N ARG A 55 27.32 -2.83 3.21
CA ARG A 55 28.10 -4.01 2.89
C ARG A 55 28.02 -5.12 3.94
N ASP A 56 27.63 -4.84 5.17
CA ASP A 56 27.73 -5.91 6.14
C ASP A 56 26.67 -6.19 7.21
N ALA A 57 25.44 -6.58 6.87
CA ALA A 57 24.62 -6.03 5.81
C ALA A 57 23.52 -5.42 6.67
N VAL A 58 23.87 -4.33 7.33
CA VAL A 58 23.02 -3.67 8.31
C VAL A 58 22.06 -2.72 7.57
N LEU A 59 20.88 -2.50 8.12
CA LEU A 59 19.95 -1.53 7.55
C LEU A 59 20.53 -0.09 7.57
N VAL A 60 20.27 0.68 6.51
CA VAL A 60 20.79 2.05 6.41
C VAL A 60 19.75 3.01 5.85
N GLY A 61 18.67 2.47 5.30
CA GLY A 61 17.61 3.32 4.76
C GLY A 61 16.41 2.59 4.19
N VAL A 62 15.48 3.33 3.58
CA VAL A 62 14.36 2.73 2.83
C VAL A 62 14.01 3.49 1.59
N LEU A 63 13.31 2.84 0.70
CA LEU A 63 13.03 3.43 -0.60
C LEU A 63 11.64 3.05 -1.02
N SER A 64 10.72 3.98 -1.11
CA SER A 64 9.35 3.66 -1.52
C SER A 64 9.13 3.99 -2.99
N ARG A 65 7.93 3.67 -3.49
CA ARG A 65 7.55 3.98 -4.86
C ARG A 65 7.65 5.47 -5.10
N LYS A 66 7.28 6.25 -4.09
CA LYS A 66 7.33 7.69 -4.26
C LYS A 66 8.72 8.29 -4.24
N ASP A 67 9.68 7.67 -3.54
CA ASP A 67 11.04 8.17 -3.55
C ASP A 67 11.58 8.08 -4.99
N LEU A 68 11.26 6.95 -5.64
CA LEU A 68 11.82 6.58 -6.93
C LEU A 68 11.18 7.39 -8.05
N LEU A 69 9.88 7.62 -7.93
CA LEU A 69 9.12 8.44 -8.86
C LEU A 69 9.60 9.89 -8.77
N ARG A 70 9.81 10.35 -7.53
CA ARG A 70 10.37 11.68 -7.31
C ARG A 70 11.70 11.81 -8.06
N ALA A 71 12.48 10.72 -8.00
CA ALA A 71 13.81 10.69 -8.59
C ALA A 71 13.78 10.72 -10.10
N SER A 72 12.90 9.92 -10.71
CA SER A 72 12.90 9.74 -12.16
C SER A 72 12.34 10.95 -12.90
N ILE A 73 11.55 11.74 -12.16
CA ILE A 73 11.03 13.03 -12.60
C ILE A 73 12.05 14.17 -12.41
N GLY A 74 12.92 14.02 -11.42
CA GLY A 74 14.08 14.90 -11.22
C GLY A 74 15.17 14.91 -12.31
N GLN A 75 15.19 13.87 -13.15
CA GLN A 75 16.11 13.74 -14.31
C GLN A 75 17.65 13.92 -14.06
N GLN A 76 18.11 13.39 -12.94
CA GLN A 76 19.55 13.22 -12.70
C GLN A 76 19.96 12.02 -13.58
N GLU A 77 21.26 11.81 -13.79
CA GLU A 77 21.69 10.58 -14.48
C GLU A 77 21.34 9.31 -13.66
N LEU A 78 20.09 8.85 -13.80
CA LEU A 78 19.52 7.79 -12.95
C LEU A 78 20.37 6.56 -12.85
N THR A 79 21.03 6.26 -13.97
CA THR A 79 21.81 5.05 -14.18
C THR A 79 23.10 5.08 -13.37
N SER A 80 23.58 6.29 -13.09
CA SER A 80 24.78 6.45 -12.29
C SER A 80 24.48 6.66 -10.81
N VAL A 81 23.34 7.30 -10.52
CA VAL A 81 22.97 7.78 -9.17
C VAL A 81 22.68 6.67 -8.15
N PRO A 82 23.54 6.55 -7.14
CA PRO A 82 23.36 5.53 -6.12
C PRO A 82 22.21 5.81 -5.16
N VAL A 83 21.55 4.76 -4.66
CA VAL A 83 20.38 4.95 -3.81
C VAL A 83 20.62 5.53 -2.40
N HIS A 84 21.84 5.50 -1.92
CA HIS A 84 22.03 6.19 -0.66
C HIS A 84 21.82 7.72 -0.81
N ILE A 85 21.83 8.23 -2.06
CA ILE A 85 21.66 9.68 -2.31
C ILE A 85 20.24 10.11 -2.01
N ILE A 86 19.31 9.18 -2.20
CA ILE A 86 17.91 9.55 -2.13
C ILE A 86 17.11 8.81 -1.07
N MET A 87 17.59 7.64 -0.66
CA MET A 87 16.93 6.86 0.39
C MET A 87 16.60 7.70 1.62
N THR A 88 15.51 7.34 2.29
CA THR A 88 15.24 7.80 3.64
C THR A 88 16.23 7.06 4.55
N ARG A 89 16.95 7.80 5.39
CA ARG A 89 18.12 7.29 6.13
C ARG A 89 17.82 6.92 7.58
N MET A 90 18.68 6.08 8.15
CA MET A 90 18.70 5.89 9.58
C MET A 90 19.31 7.20 10.05
N PRO A 91 18.88 7.79 11.18
CA PRO A 91 18.19 7.45 12.43
C PRO A 91 16.94 6.61 12.40
N ASN A 92 15.96 6.73 11.49
CA ASN A 92 15.03 7.82 11.19
C ASN A 92 13.96 7.08 10.35
N ILE A 93 13.97 5.76 10.55
CA ILE A 93 13.06 4.81 9.99
C ILE A 93 12.37 4.12 11.15
N THR A 94 11.09 3.83 10.94
CA THR A 94 10.32 3.07 11.89
C THR A 94 10.56 1.58 11.58
N VAL A 95 11.25 0.91 12.48
CA VAL A 95 11.45 -0.53 12.41
C VAL A 95 10.62 -1.22 13.49
N CYS A 96 10.53 -2.55 13.41
CA CYS A 96 10.01 -3.39 14.50
C CYS A 96 10.81 -4.72 14.65
N ARG A 97 10.44 -5.53 15.64
CA ARG A 97 11.14 -6.79 15.91
C ARG A 97 10.14 -7.94 15.99
N ARG A 98 10.61 -9.18 15.82
CA ARG A 98 9.67 -10.31 15.68
C ARG A 98 8.70 -10.46 16.84
N GLU A 99 9.08 -9.99 18.02
CA GLU A 99 8.25 -10.08 19.23
C GLU A 99 7.31 -8.86 19.44
N ASP A 100 7.48 -7.81 18.63
CA ASP A 100 6.54 -6.68 18.63
C ASP A 100 5.10 -7.12 18.31
N TYR A 101 4.13 -6.38 18.85
CA TYR A 101 2.72 -6.71 18.66
C TYR A 101 2.20 -6.09 17.38
N VAL A 102 1.42 -6.83 16.60
CA VAL A 102 0.92 -6.31 15.33
C VAL A 102 0.10 -5.03 15.53
N MET A 103 -0.64 -4.95 16.63
CA MET A 103 -1.47 -3.76 16.88
C MET A 103 -0.65 -2.50 16.89
N ASP A 104 0.36 -2.45 17.77
CA ASP A 104 1.32 -1.36 17.77
C ASP A 104 1.77 -1.01 16.33
N ILE A 105 2.19 -2.03 15.59
CA ILE A 105 2.71 -1.83 14.25
C ILE A 105 1.67 -1.20 13.34
N ALA A 106 0.43 -1.69 13.40
CA ALA A 106 -0.67 -1.08 12.67
C ALA A 106 -0.79 0.41 12.95
N LYS A 107 -0.74 0.81 14.22
CA LYS A 107 -0.80 2.23 14.61
C LYS A 107 0.35 3.08 14.08
N HIS A 108 1.57 2.54 14.08
CA HIS A 108 2.75 3.22 13.50
C HIS A 108 2.52 3.44 12.02
N LEU A 109 2.02 2.41 11.36
CA LEU A 109 1.72 2.54 9.94
C LEU A 109 0.72 3.67 9.70
N ILE A 110 -0.18 3.92 10.67
CA ILE A 110 -1.14 5.02 10.58
C ILE A 110 -0.60 6.37 11.07
N GLU A 111 -0.09 6.42 12.32
CA GLU A 111 0.62 7.59 12.86
C GLU A 111 1.66 8.13 11.86
N LYS A 112 2.37 7.24 11.18
CA LYS A 112 3.43 7.67 10.28
C LYS A 112 3.14 7.59 8.75
N GLN A 113 1.96 7.11 8.38
CA GLN A 113 1.47 7.16 6.99
C GLN A 113 2.43 6.51 5.97
N ILE A 114 2.93 5.33 6.32
CA ILE A 114 3.89 4.55 5.54
C ILE A 114 3.20 3.24 5.27
N ASP A 115 3.66 2.50 4.26
CA ASP A 115 2.98 1.26 3.90
CA ASP A 115 3.04 1.25 3.85
C ASP A 115 3.66 0.01 4.47
N ALA A 116 4.91 0.14 4.94
CA ALA A 116 5.66 -1.03 5.43
C ALA A 116 6.67 -0.69 6.51
N LEU A 117 6.86 -1.60 7.47
CA LEU A 117 7.98 -1.56 8.40
C LEU A 117 8.94 -2.68 8.09
N PRO A 118 10.23 -2.48 8.40
CA PRO A 118 11.13 -3.57 8.39
C PRO A 118 11.14 -4.25 9.76
N VAL A 119 11.26 -5.60 9.71
CA VAL A 119 11.47 -6.46 10.87
C VAL A 119 12.97 -6.63 10.98
N ILE A 120 13.55 -6.09 12.04
CA ILE A 120 15.02 -6.15 12.24
C ILE A 120 15.38 -7.15 13.35
N LYS A 121 16.67 -7.46 13.50
CA LYS A 121 17.14 -8.33 14.58
C LYS A 121 18.42 -7.74 15.17
N ASP A 122 18.47 -7.57 16.48
CA ASP A 122 19.62 -6.94 17.13
C ASP A 122 20.79 -7.90 17.23
N THR A 123 21.74 -7.78 16.30
CA THR A 123 22.85 -8.74 16.25
C THR A 123 24.16 -8.15 16.78
N ASP A 124 25.23 -8.95 16.78
CA ASP A 124 26.57 -8.40 16.98
C ASP A 124 27.13 -7.79 15.68
N LYS A 125 26.28 -7.67 14.67
CA LYS A 125 26.55 -6.74 13.58
C LYS A 125 25.80 -5.42 13.75
N GLY A 126 24.52 -5.49 14.07
CA GLY A 126 23.66 -4.31 14.17
C GLY A 126 22.23 -4.66 13.78
N PHE A 127 21.46 -3.70 13.26
CA PHE A 127 20.09 -3.96 12.79
C PHE A 127 20.19 -4.67 11.43
N GLU A 128 20.06 -5.98 11.47
CA GLU A 128 19.92 -6.79 10.25
C GLU A 128 18.44 -6.98 9.94
N VAL A 129 18.13 -7.32 8.71
CA VAL A 129 16.76 -7.32 8.21
C VAL A 129 16.28 -8.76 7.99
N ILE A 130 15.20 -9.12 8.67
CA ILE A 130 14.73 -10.49 8.67
C ILE A 130 13.22 -10.64 8.36
N GLY A 131 12.62 -9.54 7.89
CA GLY A 131 11.29 -9.56 7.28
C GLY A 131 10.69 -8.18 7.06
N ARG A 132 9.43 -8.16 6.58
CA ARG A 132 8.64 -6.93 6.53
C ARG A 132 7.21 -7.17 7.03
N VAL A 133 6.53 -6.08 7.30
CA VAL A 133 5.16 -6.12 7.73
C VAL A 133 4.58 -4.84 7.19
N THR A 134 3.39 -4.95 6.62
CA THR A 134 2.93 -3.92 5.76
C THR A 134 1.44 -3.84 5.82
N LYS A 135 0.85 -2.88 5.13
CA LYS A 135 -0.62 -2.82 5.12
C LYS A 135 -1.28 -4.10 4.60
N THR A 136 -0.59 -4.81 3.71
CA THR A 136 -1.13 -6.08 3.16
C THR A 136 -1.29 -7.13 4.28
N ASN A 137 -0.22 -7.33 5.06
CA ASN A 137 -0.29 -8.15 6.26
C ASN A 137 -1.47 -7.76 7.15
N MET A 138 -1.63 -6.48 7.43
CA MET A 138 -2.74 -6.01 8.27
C MET A 138 -4.06 -6.42 7.67
N THR A 139 -4.18 -6.24 6.36
CA THR A 139 -5.41 -6.58 5.67
C THR A 139 -5.66 -8.10 5.76
N LYS A 140 -4.59 -8.90 5.80
CA LYS A 140 -4.77 -10.34 5.85
C LYS A 140 -5.20 -10.77 7.23
N ILE A 141 -4.59 -10.18 8.25
CA ILE A 141 -4.96 -10.46 9.62
C ILE A 141 -6.44 -10.08 9.76
N LEU A 142 -6.91 -9.11 8.98
CA LEU A 142 -8.26 -8.63 9.18
C LEU A 142 -9.29 -9.51 8.46
N VAL A 143 -8.86 -10.18 7.41
CA VAL A 143 -9.68 -11.18 6.77
C VAL A 143 -9.71 -12.43 7.66
N SER A 144 -8.57 -12.80 8.24
CA SER A 144 -8.50 -13.98 9.09
C SER A 144 -9.47 -13.89 10.26
N LEU A 145 -9.52 -12.73 10.90
CA LEU A 145 -10.43 -12.49 12.05
C LEU A 145 -11.90 -12.54 11.69
N SER A 146 -12.24 -11.99 10.52
CA SER A 146 -13.60 -11.99 10.06
C SER A 146 -14.04 -13.37 9.66
N GLU A 147 -13.07 -14.23 9.37
CA GLU A 147 -13.34 -15.63 9.06
C GLU A 147 -13.10 -16.53 10.24
N ASN A 148 -12.87 -15.93 11.41
CA ASN A 148 -12.60 -16.65 12.67
C ASN A 148 -11.54 -17.74 12.51
N GLU A 149 -10.35 -17.32 12.11
CA GLU A 149 -9.25 -18.24 11.82
C GLU A 149 -7.99 -17.94 12.64
N ILE A 150 -8.08 -17.06 13.62
CA ILE A 150 -6.92 -16.75 14.48
C ILE A 150 -7.05 -17.25 15.92
N LEU A 151 -6.01 -17.89 16.44
CA LEU A 151 -5.77 -18.11 17.89
C LEU A 151 -6.65 -19.23 18.41
N GLY B 3 -22.27 -16.90 15.70
CA GLY B 3 -21.36 -17.87 16.40
C GLY B 3 -21.33 -17.85 17.94
N LYS B 4 -20.80 -18.93 18.52
CA LYS B 4 -20.76 -19.13 19.97
C LYS B 4 -19.69 -18.29 20.70
N THR B 5 -18.54 -18.04 20.08
CA THR B 5 -17.39 -17.48 20.84
C THR B 5 -17.08 -16.00 20.57
N GLY B 6 -16.34 -15.41 21.50
CA GLY B 6 -15.89 -14.03 21.38
C GLY B 6 -15.26 -13.70 20.05
N THR B 7 -14.34 -14.55 19.58
CA THR B 7 -13.70 -14.27 18.32
C THR B 7 -14.68 -14.44 17.16
N GLN B 8 -15.65 -15.34 17.34
CA GLN B 8 -16.75 -15.52 16.35
C GLN B 8 -17.69 -14.33 16.25
N LEU B 9 -18.09 -13.78 17.39
CA LEU B 9 -18.88 -12.54 17.40
C LEU B 9 -18.09 -11.38 16.78
N LEU B 10 -16.82 -11.21 17.18
CA LEU B 10 -15.90 -10.30 16.48
C LEU B 10 -15.94 -10.58 14.98
N ALA B 11 -15.84 -11.84 14.59
CA ALA B 11 -15.93 -12.18 13.15
C ALA B 11 -17.28 -11.72 12.55
N ASP B 12 -18.36 -11.85 13.34
CA ASP B 12 -19.71 -11.59 12.87
C ASP B 12 -19.91 -10.14 12.56
N LYS B 13 -19.33 -9.26 13.38
CA LYS B 13 -19.44 -7.82 13.16
C LYS B 13 -18.56 -7.40 12.02
N LEU B 14 -17.30 -7.84 12.02
CA LEU B 14 -16.45 -7.62 10.85
C LEU B 14 -17.17 -7.90 9.51
N LYS B 15 -17.93 -8.99 9.42
CA LYS B 15 -18.57 -9.42 8.17
C LYS B 15 -19.75 -8.54 7.77
N LYS B 16 -20.23 -7.73 8.71
CA LYS B 16 -21.42 -6.91 8.55
C LYS B 16 -21.08 -5.46 8.22
N LEU B 17 -19.80 -5.11 8.26
CA LEU B 17 -19.40 -3.75 7.99
C LEU B 17 -19.49 -3.51 6.51
N GLN B 18 -20.11 -2.39 6.13
CA GLN B 18 -20.28 -2.01 4.72
C GLN B 18 -19.38 -0.83 4.30
N VAL B 19 -18.95 -0.85 3.06
CA VAL B 19 -18.05 0.14 2.46
C VAL B 19 -18.41 1.59 2.81
N LYS B 20 -19.70 1.93 2.71
CA LYS B 20 -20.22 3.29 2.96
C LYS B 20 -19.71 3.89 4.27
N ASP B 21 -19.33 3.06 5.24
CA ASP B 21 -18.88 3.54 6.56
C ASP B 21 -17.36 3.51 6.73
N PHE B 22 -16.65 3.05 5.70
CA PHE B 22 -15.20 2.84 5.78
C PHE B 22 -14.51 3.24 4.48
N GLN B 23 -14.93 4.37 3.93
CA GLN B 23 -14.35 4.80 2.68
C GLN B 23 -13.70 6.21 2.79
N SER B 24 -12.77 6.45 1.88
CA SER B 24 -12.06 7.71 1.84
C SER B 24 -12.44 8.44 0.58
N ILE B 25 -12.13 9.74 0.54
CA ILE B 25 -12.58 10.54 -0.58
C ILE B 25 -12.07 9.97 -1.91
N PRO B 26 -12.86 10.09 -2.99
CA PRO B 26 -12.22 9.70 -4.24
C PRO B 26 -11.28 10.81 -4.70
N VAL B 27 -10.14 10.41 -5.22
CA VAL B 27 -9.21 11.29 -5.92
C VAL B 27 -9.18 10.84 -7.39
N VAL B 28 -9.50 11.78 -8.28
CA VAL B 28 -10.03 11.46 -9.59
C VAL B 28 -9.47 12.45 -10.61
N ILE B 29 -8.96 11.94 -11.74
CA ILE B 29 -8.44 12.83 -12.80
C ILE B 29 -9.11 12.53 -14.14
N HIS B 30 -9.07 13.48 -15.06
CA HIS B 30 -9.54 13.28 -16.44
C HIS B 30 -8.55 12.40 -17.19
N GLU B 31 -9.01 11.72 -18.24
CA GLU B 31 -8.18 10.81 -19.06
C GLU B 31 -7.25 11.50 -20.10
N ASN B 32 -7.43 12.81 -20.31
CA ASN B 32 -6.59 13.59 -21.26
C ASN B 32 -5.51 14.44 -20.59
N VAL B 33 -5.25 14.13 -19.32
CA VAL B 33 -4.23 14.74 -18.52
C VAL B 33 -2.95 13.93 -18.77
N SER B 34 -1.77 14.55 -18.69
CA SER B 34 -0.54 13.84 -19.00
C SER B 34 -0.11 12.93 -17.86
N VAL B 35 0.79 12.00 -18.14
CA VAL B 35 1.39 11.20 -17.09
C VAL B 35 2.04 12.13 -16.07
N TYR B 36 2.79 13.14 -16.55
CA TYR B 36 3.44 14.11 -15.63
C TYR B 36 2.44 14.78 -14.68
N ASP B 37 1.28 15.22 -15.18
CA ASP B 37 0.23 15.82 -14.35
C ASP B 37 -0.33 14.85 -13.32
N ALA B 38 -0.53 13.61 -13.74
CA ALA B 38 -0.93 12.53 -12.86
C ALA B 38 0.07 12.35 -11.72
N ILE B 39 1.35 12.32 -12.04
CA ILE B 39 2.38 12.12 -11.04
C ILE B 39 2.29 13.28 -10.04
N CYS B 40 2.06 14.48 -10.53
CA CYS B 40 1.88 15.65 -9.67
C CYS B 40 0.62 15.55 -8.79
N THR B 41 -0.54 15.34 -9.41
CA THR B 41 -1.78 15.15 -8.62
C THR B 41 -1.57 14.14 -7.49
N MET B 42 -0.82 13.10 -7.80
CA MET B 42 -0.53 11.99 -6.92
C MET B 42 0.24 12.40 -5.66
N PHE B 43 1.14 13.36 -5.81
CA PHE B 43 1.92 13.88 -4.70
C PHE B 43 1.17 14.97 -3.98
N LEU B 44 0.41 15.74 -4.74
CA LEU B 44 -0.47 16.79 -4.21
C LEU B 44 -1.54 16.30 -3.23
N GLU B 45 -2.18 15.18 -3.58
CA GLU B 45 -3.34 14.66 -2.85
C GLU B 45 -2.87 13.59 -1.89
N ASP B 46 -1.65 13.12 -2.12
CA ASP B 46 -0.94 12.11 -1.36
C ASP B 46 -1.71 10.80 -1.30
N VAL B 47 -1.93 10.24 -2.49
CA VAL B 47 -2.59 8.93 -2.69
C VAL B 47 -1.73 7.97 -3.50
N GLY B 48 -2.15 6.72 -3.55
CA GLY B 48 -1.43 5.71 -4.31
C GLY B 48 -2.21 5.24 -5.52
N THR B 49 -3.44 5.74 -5.66
CA THR B 49 -4.29 5.36 -6.76
C THR B 49 -5.19 6.49 -7.22
N LEU B 50 -5.03 6.87 -8.47
CA LEU B 50 -5.88 7.87 -9.07
C LEU B 50 -6.87 7.09 -9.90
N PHE B 51 -8.10 7.57 -9.94
CA PHE B 51 -9.09 6.96 -10.81
C PHE B 51 -9.30 7.88 -11.98
N VAL B 52 -9.46 7.30 -13.16
CA VAL B 52 -9.49 8.11 -14.39
C VAL B 52 -10.88 8.14 -15.00
N VAL B 53 -11.45 9.32 -15.21
CA VAL B 53 -12.81 9.42 -15.74
C VAL B 53 -12.87 10.13 -17.09
N ASP B 54 -13.95 9.92 -17.87
CA ASP B 54 -14.07 10.54 -19.21
C ASP B 54 -14.85 11.85 -19.21
N ARG B 55 -15.16 12.37 -20.40
CA ARG B 55 -15.86 13.66 -20.47
C ARG B 55 -17.20 13.65 -19.71
N ASP B 56 -17.80 12.47 -19.50
CA ASP B 56 -19.07 12.37 -18.76
C ASP B 56 -18.92 12.10 -17.22
N ALA B 57 -17.68 12.03 -16.74
CA ALA B 57 -17.31 11.73 -15.33
C ALA B 57 -17.51 10.27 -14.95
N VAL B 58 -17.44 9.42 -15.97
CA VAL B 58 -17.61 7.98 -15.86
C VAL B 58 -16.26 7.23 -15.88
N LEU B 59 -16.05 6.39 -14.88
CA LEU B 59 -14.83 5.58 -14.73
C LEU B 59 -14.36 5.04 -16.05
N VAL B 60 -13.07 5.19 -16.33
CA VAL B 60 -12.49 4.56 -17.52
C VAL B 60 -11.17 3.82 -17.20
N GLY B 61 -10.59 4.07 -16.04
CA GLY B 61 -9.35 3.38 -15.66
C GLY B 61 -8.82 3.70 -14.30
N VAL B 62 -7.76 2.99 -13.90
CA VAL B 62 -6.98 3.32 -12.72
C VAL B 62 -5.50 3.53 -12.99
N LEU B 63 -4.83 4.15 -12.02
CA LEU B 63 -3.42 4.42 -12.06
C LEU B 63 -2.87 4.20 -10.70
N SER B 64 -1.84 3.35 -10.61
CA SER B 64 -1.10 3.18 -9.38
C SER B 64 0.24 3.91 -9.43
N ARG B 65 0.90 4.01 -8.29
CA ARG B 65 2.22 4.59 -8.19
C ARG B 65 3.22 3.91 -9.14
N LYS B 66 3.16 2.58 -9.21
CA LYS B 66 4.05 1.83 -10.08
C LYS B 66 3.71 1.98 -11.57
N ASP B 67 2.43 2.18 -11.87
CA ASP B 67 1.99 2.46 -13.26
C ASP B 67 2.72 3.69 -13.74
N LEU B 68 2.81 4.70 -12.87
CA LEU B 68 3.45 5.94 -13.25
C LEU B 68 4.97 5.87 -13.18
N LEU B 69 5.49 5.05 -12.26
CA LEU B 69 6.94 4.84 -12.18
C LEU B 69 7.38 4.12 -13.43
N ARG B 70 6.75 2.98 -13.75
CA ARG B 70 7.02 2.28 -15.03
C ARG B 70 7.04 3.24 -16.20
N ALA B 71 6.05 4.12 -16.26
CA ALA B 71 5.89 4.95 -17.42
C ALA B 71 7.04 5.94 -17.47
N SER B 72 7.25 6.64 -16.36
CA SER B 72 8.29 7.67 -16.32
C SER B 72 9.72 7.18 -16.58
N ILE B 73 9.96 5.86 -16.56
CA ILE B 73 11.24 5.32 -17.03
C ILE B 73 11.16 4.40 -18.26
N GLY B 74 9.98 4.24 -18.87
CA GLY B 74 9.91 3.65 -20.22
C GLY B 74 11.01 4.17 -21.15
N GLN B 75 11.51 3.31 -22.04
CA GLN B 75 12.43 3.72 -23.13
C GLN B 75 11.83 4.80 -23.99
N GLN B 76 10.53 4.68 -24.21
CA GLN B 76 9.80 5.60 -25.01
C GLN B 76 9.49 6.76 -24.08
N GLU B 77 9.13 7.92 -24.62
CA GLU B 77 8.78 9.04 -23.76
C GLU B 77 7.31 8.86 -23.43
N LEU B 78 7.00 8.60 -22.17
CA LEU B 78 5.60 8.37 -21.81
C LEU B 78 5.08 9.41 -20.88
N THR B 79 5.97 10.23 -20.38
CA THR B 79 5.65 11.29 -19.43
C THR B 79 4.75 12.34 -20.07
N SER B 80 4.98 12.67 -21.34
CA SER B 80 4.16 13.71 -21.96
C SER B 80 2.77 13.21 -22.43
N VAL B 81 2.57 11.89 -22.45
CA VAL B 81 1.38 11.31 -23.09
C VAL B 81 0.17 11.38 -22.15
N PRO B 82 -1.07 11.36 -22.74
CA PRO B 82 -2.30 11.31 -21.96
C PRO B 82 -2.40 10.03 -21.15
N VAL B 83 -2.88 10.13 -19.92
CA VAL B 83 -2.98 8.93 -19.10
C VAL B 83 -3.79 7.75 -19.67
N HIS B 84 -4.72 8.01 -20.59
CA HIS B 84 -5.49 6.89 -21.17
C HIS B 84 -4.63 5.95 -22.02
N ILE B 85 -3.50 6.43 -22.51
CA ILE B 85 -2.55 5.56 -23.16
C ILE B 85 -2.09 4.52 -22.14
N ILE B 86 -1.92 4.91 -20.87
CA ILE B 86 -1.22 4.02 -19.93
C ILE B 86 -2.07 3.49 -18.78
N MET B 87 -3.34 3.84 -18.76
CA MET B 87 -4.19 3.34 -17.67
C MET B 87 -4.60 1.88 -17.86
N THR B 88 -4.69 1.18 -16.72
CA THR B 88 -5.42 -0.05 -16.60
C THR B 88 -6.86 0.33 -16.90
N ARG B 89 -7.36 -0.20 -18.01
CA ARG B 89 -8.63 0.21 -18.60
C ARG B 89 -9.81 -0.65 -18.12
N MET B 90 -11.01 -0.19 -18.39
CA MET B 90 -12.20 -1.00 -18.18
C MET B 90 -12.16 -2.04 -19.31
N PRO B 91 -12.89 -3.15 -19.19
CA PRO B 91 -13.74 -3.54 -18.10
C PRO B 91 -12.95 -4.35 -17.09
N ASN B 92 -11.63 -4.25 -17.14
CA ASN B 92 -10.81 -5.01 -16.21
C ASN B 92 -10.31 -4.20 -15.00
N ILE B 93 -11.23 -3.44 -14.44
CA ILE B 93 -11.08 -2.72 -13.15
C ILE B 93 -12.06 -3.35 -12.15
N THR B 94 -11.59 -3.62 -10.94
CA THR B 94 -12.53 -4.11 -9.93
C THR B 94 -13.03 -2.98 -9.01
N VAL B 95 -14.36 -2.84 -8.94
CA VAL B 95 -15.01 -1.72 -8.28
C VAL B 95 -15.83 -2.24 -7.13
N CYS B 96 -16.42 -1.35 -6.35
CA CYS B 96 -17.37 -1.80 -5.34
C CYS B 96 -18.42 -0.74 -5.12
N ARG B 97 -19.45 -1.05 -4.32
CA ARG B 97 -20.54 -0.11 -4.10
C ARG B 97 -20.72 0.17 -2.61
N ARG B 98 -21.45 1.21 -2.27
CA ARG B 98 -21.62 1.61 -0.87
C ARG B 98 -22.14 0.49 0.05
N GLU B 99 -22.95 -0.40 -0.53
CA GLU B 99 -23.70 -1.37 0.26
C GLU B 99 -22.98 -2.71 0.33
N ASP B 100 -21.94 -2.89 -0.48
CA ASP B 100 -20.98 -4.04 -0.40
C ASP B 100 -20.36 -4.23 0.99
N TYR B 101 -20.08 -5.48 1.35
CA TYR B 101 -19.47 -5.77 2.65
C TYR B 101 -17.97 -5.52 2.62
N VAL B 102 -17.45 -4.80 3.60
CA VAL B 102 -16.01 -4.46 3.60
C VAL B 102 -15.07 -5.68 3.42
N MET B 103 -15.32 -6.77 4.14
CA MET B 103 -14.41 -7.90 4.10
C MET B 103 -14.42 -8.64 2.76
N ASP B 104 -15.53 -8.56 2.03
CA ASP B 104 -15.59 -9.09 0.68
C ASP B 104 -14.60 -8.29 -0.18
N ILE B 105 -14.49 -7.01 0.09
CA ILE B 105 -13.56 -6.15 -0.61
C ILE B 105 -12.09 -6.43 -0.16
N ALA B 106 -11.86 -6.68 1.14
CA ALA B 106 -10.54 -7.11 1.65
C ALA B 106 -9.96 -8.34 0.96
N LYS B 107 -10.75 -9.38 0.75
CA LYS B 107 -10.32 -10.49 -0.12
C LYS B 107 -9.90 -10.00 -1.51
N HIS B 108 -10.61 -9.04 -2.09
CA HIS B 108 -10.26 -8.70 -3.48
C HIS B 108 -8.89 -8.01 -3.55
N LEU B 109 -8.65 -7.10 -2.61
CA LEU B 109 -7.38 -6.43 -2.46
C LEU B 109 -6.27 -7.46 -2.40
N ILE B 110 -6.44 -8.47 -1.54
CA ILE B 110 -5.42 -9.51 -1.40
C ILE B 110 -5.31 -10.42 -2.62
N GLU B 111 -6.42 -11.07 -3.01
CA GLU B 111 -6.46 -12.05 -4.12
C GLU B 111 -6.06 -11.47 -5.49
N LYS B 112 -6.43 -10.22 -5.74
CA LYS B 112 -6.14 -9.52 -7.00
C LYS B 112 -4.85 -8.70 -6.92
N GLN B 113 -4.35 -8.54 -5.70
CA GLN B 113 -3.03 -7.90 -5.40
C GLN B 113 -3.02 -6.45 -5.83
N ILE B 114 -4.04 -5.72 -5.37
CA ILE B 114 -4.20 -4.29 -5.59
C ILE B 114 -4.36 -3.56 -4.25
N ASP B 115 -4.14 -2.25 -4.24
CA ASP B 115 -4.23 -1.48 -3.00
CA ASP B 115 -4.19 -1.42 -3.03
C ASP B 115 -5.59 -0.79 -2.83
N ALA B 116 -6.26 -0.40 -3.92
CA ALA B 116 -7.48 0.37 -3.75
C ALA B 116 -8.62 -0.08 -4.67
N LEU B 117 -9.87 0.04 -4.25
CA LEU B 117 -10.98 -0.21 -5.17
C LEU B 117 -11.73 1.09 -5.19
N PRO B 118 -12.16 1.54 -6.38
CA PRO B 118 -13.03 2.71 -6.44
C PRO B 118 -14.38 2.27 -5.93
N VAL B 119 -15.06 3.14 -5.18
CA VAL B 119 -16.46 2.94 -4.84
C VAL B 119 -17.26 3.71 -5.86
N ILE B 120 -18.23 3.03 -6.45
CA ILE B 120 -18.96 3.63 -7.53
C ILE B 120 -20.47 3.61 -7.39
N LYS B 121 -21.10 4.39 -8.27
CA LYS B 121 -22.53 4.53 -8.35
C LYS B 121 -22.87 4.16 -9.81
N ASP B 122 -23.79 3.23 -9.97
CA ASP B 122 -24.31 2.88 -11.29
C ASP B 122 -25.18 4.03 -11.81
N THR B 123 -24.84 4.50 -13.00
CA THR B 123 -25.68 5.46 -13.73
C THR B 123 -25.91 4.87 -15.12
N ASP B 124 -26.99 5.28 -15.79
CA ASP B 124 -27.26 4.77 -17.15
C ASP B 124 -26.09 4.99 -18.12
N LYS B 125 -25.12 5.81 -17.73
CA LYS B 125 -23.96 6.06 -18.59
C LYS B 125 -22.68 5.34 -18.13
N GLY B 126 -22.70 4.74 -16.95
CA GLY B 126 -21.55 3.98 -16.48
C GLY B 126 -21.29 4.20 -14.99
N PHE B 127 -20.09 3.87 -14.52
CA PHE B 127 -19.83 4.01 -13.10
C PHE B 127 -19.34 5.40 -12.78
N GLU B 128 -20.01 6.01 -11.81
CA GLU B 128 -19.57 7.29 -11.28
C GLU B 128 -18.75 7.04 -9.97
N VAL B 129 -17.53 7.57 -9.90
CA VAL B 129 -16.67 7.40 -8.69
C VAL B 129 -17.14 8.25 -7.49
N ILE B 130 -17.55 7.58 -6.42
CA ILE B 130 -18.10 8.29 -5.26
C ILE B 130 -17.24 8.07 -4.00
N GLY B 131 -16.18 7.28 -4.12
CA GLY B 131 -15.34 6.95 -2.96
C GLY B 131 -14.15 6.07 -3.25
N ARG B 132 -13.33 5.84 -2.23
CA ARG B 132 -12.09 5.08 -2.33
C ARG B 132 -12.12 4.06 -1.22
N VAL B 133 -11.65 2.86 -1.48
CA VAL B 133 -11.38 1.89 -0.39
C VAL B 133 -10.03 1.20 -0.60
N THR B 134 -9.18 1.25 0.44
CA THR B 134 -7.79 0.86 0.32
C THR B 134 -7.39 0.00 1.49
N LYS B 135 -6.13 -0.46 1.48
CA LYS B 135 -5.57 -1.18 2.64
C LYS B 135 -5.40 -0.28 3.89
N THR B 136 -5.40 1.04 3.67
CA THR B 136 -5.23 1.99 4.80
C THR B 136 -6.53 2.01 5.62
N ASN B 137 -7.65 2.10 4.90
CA ASN B 137 -8.96 1.85 5.48
C ASN B 137 -8.99 0.57 6.29
N MET B 138 -8.37 -0.49 5.77
CA MET B 138 -8.42 -1.82 6.35
C MET B 138 -7.61 -1.83 7.64
N THR B 139 -6.44 -1.23 7.57
CA THR B 139 -5.54 -1.17 8.71
C THR B 139 -6.18 -0.35 9.83
N LYS B 140 -6.94 0.70 9.47
CA LYS B 140 -7.64 1.50 10.48
C LYS B 140 -8.69 0.66 11.23
N ILE B 141 -9.36 -0.27 10.53
CA ILE B 141 -10.39 -1.10 11.15
C ILE B 141 -9.77 -2.03 12.17
N LEU B 142 -8.60 -2.58 11.85
CA LEU B 142 -7.85 -3.38 12.81
C LEU B 142 -7.53 -2.60 14.04
N VAL B 143 -6.91 -1.42 13.86
CA VAL B 143 -6.58 -0.55 15.00
C VAL B 143 -7.81 -0.34 15.88
N SER B 144 -8.93 0.03 15.25
CA SER B 144 -10.17 0.27 15.96
C SER B 144 -10.59 -0.93 16.78
N LEU B 145 -10.35 -2.14 16.28
CA LEU B 145 -10.66 -3.36 17.04
C LEU B 145 -9.92 -3.36 18.37
N SER B 146 -8.65 -2.98 18.35
CA SER B 146 -7.87 -2.94 19.58
C SER B 146 -8.20 -1.77 20.53
N GLU B 147 -8.41 -0.56 20.02
CA GLU B 147 -8.83 0.58 20.89
C GLU B 147 -10.34 0.41 21.30
N ASN B 148 -11.24 0.39 20.31
CA ASN B 148 -12.65 0.05 20.53
C ASN B 148 -12.81 -1.40 21.00
#